data_1QVN
#
_entry.id   1QVN
#
_cell.length_a   53.514
_cell.length_b   85.134
_cell.length_c   122.141
_cell.angle_alpha   90.00
_cell.angle_beta   90.00
_cell.angle_gamma   90.00
#
_symmetry.space_group_name_H-M   'P 21 21 21'
#
loop_
_entity.id
_entity.type
_entity.pdbx_description
1 polymer Interleukin-2
2 non-polymer 'ZINC ION'
3 non-polymer '2-GUANIDINO-4-METHYL-PENTANOIC ACID [2-(4-{5-[4-(4-ACETYLAMINO-BENZYLOXY)-2,3-DICHLORO-PHENYL]-2-METHYL-2H-PYRAZOL-3-YL}-PIPERIDIN-1-YL)-2-OXO-ETHYL]-AMIDE'
#
_entity_poly.entity_id   1
_entity_poly.type   'polypeptide(L)'
_entity_poly.pdbx_seq_one_letter_code
;APTSSSTKKTQLQLEHLLLDLQMILNGINNYKNPKLTRMLTFKFYMPKKATELKHLQCLEEELKPLEEALNLAQSKNFHL
RPRDLISNINVIVLELKGSETTFMCEYADETATIVEFLNRWITFCQSIISTL
;
_entity_poly.pdbx_strand_id   A,B,C,D
#
loop_
_chem_comp.id
_chem_comp.type
_chem_comp.name
_chem_comp.formula
FRI non-polymer '2-GUANIDINO-4-METHYL-PENTANOIC ACID [2-(4-{5-[4-(4-ACETYLAMINO-BENZYLOXY)-2,3-DICHLORO-PHENYL]-2-METHYL-2H-PYRAZOL-3-YL}-PIPERIDIN-1-YL)-2-OXO-ETHYL]-AMIDE' 'C33 H42 Cl2 N8 O4'
ZN non-polymer 'ZINC ION' 'Zn 2'
#
# COMPACT_ATOMS: atom_id res chain seq x y z
N SER A 4 47.50 -7.44 -29.36
CA SER A 4 47.62 -8.54 -28.37
C SER A 4 46.38 -8.64 -27.48
N SER A 5 46.32 -9.70 -26.66
CA SER A 5 45.22 -9.92 -25.73
C SER A 5 45.24 -8.94 -24.56
N SER A 6 46.44 -8.42 -24.27
CA SER A 6 46.64 -7.42 -23.23
C SER A 6 46.17 -6.03 -23.67
N THR A 7 46.49 -5.66 -24.91
CA THR A 7 46.11 -4.37 -25.47
C THR A 7 44.62 -4.29 -25.80
N LYS A 8 44.05 -5.41 -26.20
CA LYS A 8 42.61 -5.50 -26.50
C LYS A 8 41.77 -5.26 -25.25
N LYS A 9 42.18 -5.85 -24.13
CA LYS A 9 41.51 -5.66 -22.85
C LYS A 9 41.58 -4.20 -22.39
N THR A 10 42.75 -3.58 -22.55
CA THR A 10 42.95 -2.17 -22.21
C THR A 10 42.05 -1.26 -23.05
N GLN A 11 41.95 -1.58 -24.35
CA GLN A 11 41.11 -0.83 -25.28
C GLN A 11 39.64 -0.88 -24.90
N LEU A 12 39.14 -2.09 -24.64
CA LEU A 12 37.75 -2.31 -24.27
C LEU A 12 37.37 -1.61 -22.96
N GLN A 13 38.27 -1.69 -21.97
CA GLN A 13 38.06 -1.06 -20.68
C GLN A 13 38.09 0.47 -20.76
N LEU A 14 38.97 1.00 -21.62
CA LEU A 14 39.03 2.44 -21.90
C LEU A 14 37.78 2.91 -22.64
N GLU A 15 37.27 2.08 -23.55
CA GLU A 15 36.04 2.39 -24.30
C GLU A 15 34.82 2.32 -23.40
N HIS A 16 34.92 1.55 -22.33
CA HIS A 16 33.85 1.41 -21.34
C HIS A 16 33.76 2.64 -20.44
N LEU A 17 34.91 3.15 -20.02
CA LEU A 17 34.98 4.37 -19.22
C LEU A 17 34.47 5.57 -20.05
N LEU A 18 34.87 5.61 -21.31
CA LEU A 18 34.42 6.62 -22.26
C LEU A 18 32.90 6.60 -22.39
N LEU A 19 32.32 5.40 -22.47
CA LEU A 19 30.88 5.25 -22.60
C LEU A 19 30.12 5.70 -21.35
N ASP A 20 30.67 5.35 -20.19
CA ASP A 20 30.07 5.71 -18.90
C ASP A 20 29.99 7.22 -18.70
N LEU A 21 31.10 7.91 -19.00
CA LEU A 21 31.15 9.37 -18.91
C LEU A 21 30.23 10.04 -19.93
N GLN A 22 30.12 9.43 -21.11
CA GLN A 22 29.24 9.94 -22.16
C GLN A 22 27.76 9.72 -21.83
N MET A 23 27.48 8.66 -21.07
CA MET A 23 26.13 8.36 -20.59
C MET A 23 25.69 9.43 -19.58
N ILE A 24 26.56 9.74 -18.62
CA ILE A 24 26.32 10.77 -17.61
C ILE A 24 26.15 12.16 -18.26
N LEU A 25 27.04 12.48 -19.21
CA LEU A 25 26.98 13.75 -19.95
C LEU A 25 25.67 13.90 -20.72
N ASN A 26 25.16 12.80 -21.26
CA ASN A 26 23.87 12.78 -21.93
C ASN A 26 22.72 13.04 -20.96
N GLY A 27 22.86 12.57 -19.72
CA GLY A 27 21.90 12.82 -18.66
C GLY A 27 21.83 14.29 -18.29
N ILE A 28 22.99 14.91 -18.09
CA ILE A 28 23.09 16.32 -17.68
C ILE A 28 22.56 17.28 -18.77
N ASN A 29 22.93 17.03 -20.01
CA ASN A 29 22.49 17.86 -21.14
C ASN A 29 20.99 17.75 -21.42
N ASN A 30 20.38 16.67 -20.95
CA ASN A 30 18.95 16.43 -21.13
C ASN A 30 18.08 17.15 -20.10
N TYR A 31 18.71 17.69 -19.06
CA TYR A 31 18.01 18.42 -18.00
C TYR A 31 17.43 19.73 -18.52
N LYS A 32 16.42 20.23 -17.81
CA LYS A 32 15.79 21.52 -18.14
C LYS A 32 16.73 22.67 -17.78
N ASN A 33 16.58 23.78 -18.49
CA ASN A 33 17.42 24.97 -18.32
C ASN A 33 17.64 25.42 -16.86
N PRO A 34 16.57 25.56 -16.07
CA PRO A 34 16.71 25.92 -14.65
C PRO A 34 17.46 24.86 -13.82
N LYS A 35 17.29 23.58 -14.16
CA LYS A 35 18.01 22.49 -13.48
C LYS A 35 19.49 22.46 -13.88
N LEU A 36 19.75 22.71 -15.15
CA LEU A 36 21.10 22.78 -15.69
C LEU A 36 21.89 23.92 -15.05
N THR A 37 21.21 25.02 -14.75
CA THR A 37 21.82 26.20 -14.13
C THR A 37 22.47 25.87 -12.78
N ARG A 38 21.75 25.13 -11.95
CA ARG A 38 22.25 24.74 -10.62
C ARG A 38 23.29 23.63 -10.70
N MET A 39 23.20 22.80 -11.72
CA MET A 39 24.20 21.76 -11.97
C MET A 39 25.54 22.36 -12.37
N LEU A 40 25.51 23.47 -13.12
CA LEU A 40 26.73 24.14 -13.61
C LEU A 40 27.50 24.93 -12.53
N THR A 41 26.91 25.08 -11.34
CA THR A 41 27.57 25.77 -10.24
C THR A 41 28.45 24.83 -9.41
N PHE A 42 28.17 23.53 -9.52
CA PHE A 42 28.97 22.50 -8.86
C PHE A 42 30.33 22.43 -9.54
N LYS A 43 31.37 22.81 -8.80
CA LYS A 43 32.72 22.96 -9.38
C LYS A 43 33.62 21.75 -9.13
N PHE A 44 34.41 21.41 -10.15
CA PHE A 44 35.28 20.23 -10.11
C PHE A 44 36.75 20.61 -10.28
N TYR A 45 37.63 19.72 -9.80
CA TYR A 45 39.08 19.88 -9.96
C TYR A 45 39.58 19.19 -11.22
N MET A 46 40.41 19.90 -11.98
CA MET A 46 40.90 19.45 -13.27
C MET A 46 42.37 19.07 -13.23
N PRO A 47 42.78 18.11 -14.05
CA PRO A 47 44.20 17.72 -14.12
C PRO A 47 45.04 18.69 -14.95
N LYS A 48 46.28 18.94 -14.51
CA LYS A 48 47.22 19.75 -15.27
C LYS A 48 47.90 18.91 -16.34
N LYS A 49 48.23 17.67 -15.99
CA LYS A 49 48.81 16.71 -16.92
C LYS A 49 47.98 15.43 -16.98
N ALA A 50 47.46 15.13 -18.16
CA ALA A 50 46.67 13.93 -18.40
C ALA A 50 47.05 13.30 -19.74
N THR A 51 48.08 12.45 -19.70
CA THR A 51 48.67 11.86 -20.91
C THR A 51 48.87 10.34 -20.79
N GLU A 52 49.01 9.87 -19.55
CA GLU A 52 49.27 8.45 -19.29
C GLU A 52 48.15 7.85 -18.47
N LEU A 53 48.11 6.51 -18.40
CA LEU A 53 47.10 5.80 -17.64
C LEU A 53 47.18 6.06 -16.13
N LYS A 54 48.38 6.38 -15.64
CA LYS A 54 48.58 6.65 -14.21
C LYS A 54 48.03 8.02 -13.78
N HIS A 55 47.69 8.87 -14.75
CA HIS A 55 47.12 10.18 -14.46
C HIS A 55 45.61 10.11 -14.15
N LEU A 56 45.06 8.91 -14.26
CA LEU A 56 43.64 8.66 -13.96
C LEU A 56 43.31 8.82 -12.48
N GLN A 57 44.32 9.01 -11.65
CA GLN A 57 44.13 9.25 -10.21
C GLN A 57 43.47 10.61 -9.95
N CYS A 58 43.63 11.53 -10.90
CA CYS A 58 42.98 12.84 -10.84
C CYS A 58 41.47 12.71 -11.12
N LEU A 59 41.09 11.64 -11.81
CA LEU A 59 39.68 11.29 -11.96
C LEU A 59 39.17 10.53 -10.73
N GLU A 60 39.99 9.60 -10.24
CA GLU A 60 39.65 8.74 -9.10
C GLU A 60 39.28 9.55 -7.85
N GLU A 61 40.09 10.56 -7.55
CA GLU A 61 39.88 11.42 -6.38
C GLU A 61 38.60 12.26 -6.52
N GLU A 62 38.25 12.60 -7.76
CA GLU A 62 37.08 13.43 -8.03
C GLU A 62 35.79 12.62 -8.27
N LEU A 63 35.86 11.31 -8.06
CA LEU A 63 34.71 10.43 -8.28
C LEU A 63 33.63 10.57 -7.22
N LYS A 64 34.03 10.89 -5.99
CA LYS A 64 33.07 11.10 -4.90
C LYS A 64 32.29 12.43 -5.06
N PRO A 65 32.97 13.54 -5.33
CA PRO A 65 32.30 14.78 -5.76
C PRO A 65 31.32 14.57 -6.91
N LEU A 66 31.64 13.65 -7.83
CA LEU A 66 30.74 13.32 -8.94
C LEU A 66 29.46 12.64 -8.46
N GLU A 67 29.61 11.72 -7.49
CA GLU A 67 28.48 11.04 -6.87
C GLU A 67 27.59 12.03 -6.11
N GLU A 68 28.23 13.00 -5.46
CA GLU A 68 27.53 14.03 -4.71
C GLU A 68 26.70 14.95 -5.61
N ALA A 69 27.20 15.20 -6.81
CA ALA A 69 26.51 16.03 -7.80
C ALA A 69 25.31 15.31 -8.39
N LEU A 70 25.47 14.02 -8.68
CA LEU A 70 24.39 13.21 -9.25
C LEU A 70 23.33 12.82 -8.21
N ASN A 71 23.69 12.95 -6.93
CA ASN A 71 22.73 12.74 -5.84
C ASN A 71 21.79 13.94 -5.68
N LEU A 72 22.30 15.12 -5.99
CA LEU A 72 21.50 16.35 -5.99
C LEU A 72 20.53 16.35 -7.16
N ALA A 73 20.97 15.77 -8.29
CA ALA A 73 20.17 15.73 -9.51
C ALA A 73 19.33 14.46 -9.63
N GLN A 74 19.41 13.60 -8.61
CA GLN A 74 18.67 12.33 -8.60
C GLN A 74 17.17 12.55 -8.46
N ARG A 81 21.32 4.24 -10.53
CA ARG A 81 21.71 4.71 -9.21
C ARG A 81 23.15 5.22 -9.20
N PRO A 82 23.35 6.43 -8.66
CA PRO A 82 24.69 7.06 -8.65
C PRO A 82 25.70 6.34 -7.78
N ARG A 83 25.23 5.62 -6.77
CA ARG A 83 26.10 4.85 -5.87
C ARG A 83 26.74 3.66 -6.60
N ASP A 84 25.98 3.03 -7.49
CA ASP A 84 26.45 1.86 -8.22
C ASP A 84 27.23 2.23 -9.48
N LEU A 85 26.83 3.31 -10.14
CA LEU A 85 27.46 3.76 -11.38
C LEU A 85 28.88 4.29 -11.15
N ILE A 86 29.05 5.10 -10.12
CA ILE A 86 30.37 5.63 -9.75
C ILE A 86 31.28 4.51 -9.26
N SER A 87 30.70 3.57 -8.52
CA SER A 87 31.41 2.37 -8.07
C SER A 87 31.90 1.56 -9.26
N ASN A 88 31.05 1.43 -10.29
CA ASN A 88 31.40 0.76 -11.54
C ASN A 88 32.53 1.47 -12.28
N ILE A 89 32.46 2.79 -12.30
CA ILE A 89 33.51 3.62 -12.90
C ILE A 89 34.81 3.50 -12.11
N ASN A 90 34.71 3.50 -10.78
CA ASN A 90 35.84 3.33 -9.87
C ASN A 90 36.65 2.05 -10.16
N VAL A 91 35.96 0.94 -10.38
CA VAL A 91 36.58 -0.34 -10.71
C VAL A 91 37.40 -0.23 -12.00
N ILE A 92 36.80 0.38 -13.02
CA ILE A 92 37.44 0.59 -14.32
C ILE A 92 38.74 1.38 -14.16
N VAL A 93 38.65 2.49 -13.44
CA VAL A 93 39.81 3.37 -13.20
C VAL A 93 40.93 2.61 -12.48
N LEU A 94 40.57 1.82 -11.48
CA LEU A 94 41.53 1.02 -10.70
C LEU A 94 42.19 -0.08 -11.52
N GLU A 95 41.46 -0.64 -12.49
CA GLU A 95 41.99 -1.67 -13.38
C GLU A 95 42.86 -1.08 -14.49
N LEU A 96 42.49 0.11 -14.94
CA LEU A 96 43.24 0.80 -16.00
C LEU A 96 44.54 1.40 -15.49
N LYS A 97 44.45 2.20 -14.42
CA LYS A 97 45.65 2.74 -13.78
C LYS A 97 46.44 1.62 -13.11
N GLY A 98 45.74 0.51 -12.84
CA GLY A 98 46.31 -0.73 -12.36
C GLY A 98 47.53 -0.60 -11.48
N SER A 99 48.58 -1.32 -11.86
CA SER A 99 49.89 -1.27 -11.21
C SER A 99 49.83 -1.46 -9.68
N GLU A 100 50.88 -0.98 -9.01
CA GLU A 100 50.95 -0.93 -7.56
C GLU A 100 51.51 0.44 -7.21
N THR A 101 51.92 1.17 -8.25
CA THR A 101 52.42 2.53 -8.14
C THR A 101 51.32 3.49 -7.70
N THR A 102 51.65 4.32 -6.71
CA THR A 102 50.74 5.38 -6.27
C THR A 102 51.28 6.74 -6.73
N PHE A 103 50.69 7.26 -7.80
CA PHE A 103 51.12 8.53 -8.39
C PHE A 103 50.40 9.70 -7.72
N MET A 104 51.18 10.66 -7.23
CA MET A 104 50.64 11.87 -6.60
C MET A 104 50.16 12.85 -7.66
N CYS A 105 48.91 13.30 -7.53
CA CYS A 105 48.24 14.11 -8.55
C CYS A 105 48.59 15.59 -8.54
N GLU A 106 48.52 16.20 -9.71
CA GLU A 106 48.69 17.64 -9.89
C GLU A 106 47.43 18.23 -10.50
N TYR A 107 46.89 19.27 -9.87
CA TYR A 107 45.68 19.92 -10.34
C TYR A 107 45.94 21.35 -10.83
N ALA A 108 45.17 21.77 -11.84
CA ALA A 108 45.24 23.12 -12.37
C ALA A 108 44.56 24.13 -11.45
N ASP A 109 44.79 25.41 -11.69
CA ASP A 109 44.22 26.48 -10.87
C ASP A 109 42.72 26.66 -11.09
N GLU A 110 42.33 26.86 -12.35
CA GLU A 110 40.94 27.12 -12.71
C GLU A 110 40.07 25.88 -12.56
N THR A 111 39.05 25.97 -11.70
CA THR A 111 38.07 24.91 -11.54
C THR A 111 37.11 24.91 -12.73
N ALA A 112 36.41 23.80 -12.92
CA ALA A 112 35.49 23.67 -14.05
C ALA A 112 34.14 23.09 -13.65
N THR A 113 33.14 23.31 -14.50
CA THR A 113 31.79 22.77 -14.31
C THR A 113 31.76 21.27 -14.56
N ILE A 114 30.58 20.67 -14.39
CA ILE A 114 30.40 19.24 -14.62
C ILE A 114 30.61 18.86 -16.09
N VAL A 115 30.13 19.71 -17.00
CA VAL A 115 30.26 19.48 -18.44
C VAL A 115 31.73 19.51 -18.88
N GLU A 116 32.45 20.53 -18.43
CA GLU A 116 33.87 20.69 -18.74
C GLU A 116 34.72 19.60 -18.09
N PHE A 117 34.30 19.13 -16.93
CA PHE A 117 34.98 18.04 -16.23
C PHE A 117 34.84 16.72 -16.98
N LEU A 118 33.61 16.40 -17.37
CA LEU A 118 33.31 15.16 -18.08
C LEU A 118 33.95 15.12 -19.46
N ASN A 119 33.85 16.23 -20.20
CA ASN A 119 34.42 16.34 -21.54
C ASN A 119 35.94 16.15 -21.57
N ARG A 120 36.61 16.72 -20.57
CA ARG A 120 38.06 16.60 -20.42
C ARG A 120 38.51 15.14 -20.28
N TRP A 121 37.73 14.36 -19.54
CA TRP A 121 38.03 12.93 -19.36
C TRP A 121 37.53 12.06 -20.51
N ILE A 122 36.50 12.54 -21.22
CA ILE A 122 36.07 11.91 -22.47
C ILE A 122 37.18 12.08 -23.51
N THR A 123 37.74 13.29 -23.56
CA THR A 123 38.88 13.62 -24.42
C THR A 123 40.11 12.79 -24.06
N PHE A 124 40.36 12.63 -22.76
CA PHE A 124 41.46 11.80 -22.28
C PHE A 124 41.35 10.38 -22.81
N CYS A 125 40.17 9.78 -22.64
CA CYS A 125 39.91 8.41 -23.10
C CYS A 125 40.16 8.25 -24.60
N GLN A 126 39.57 9.15 -25.39
CA GLN A 126 39.66 9.12 -26.85
C GLN A 126 41.09 9.20 -27.36
N SER A 127 41.93 9.96 -26.64
CA SER A 127 43.32 10.19 -27.03
C SER A 127 44.22 8.99 -26.75
N ILE A 128 43.92 8.25 -25.68
CA ILE A 128 44.68 7.06 -25.32
C ILE A 128 44.29 5.89 -26.23
N ILE A 129 43.00 5.74 -26.48
CA ILE A 129 42.47 4.68 -27.34
C ILE A 129 43.08 4.73 -28.74
N SER A 130 43.17 5.94 -29.29
CA SER A 130 43.59 6.13 -30.68
C SER A 130 45.10 6.06 -30.91
N THR A 131 45.87 5.86 -29.83
CA THR A 131 47.32 5.69 -29.94
C THR A 131 47.78 4.28 -29.54
N LEU A 132 46.85 3.33 -29.56
CA LEU A 132 47.17 1.90 -29.37
C LEU A 132 46.17 1.02 -30.12
N SER B 4 -29.54 -5.83 -2.76
CA SER B 4 -30.44 -5.33 -1.68
C SER B 4 -30.31 -6.18 -0.40
N SER B 5 -31.14 -5.87 0.59
CA SER B 5 -31.13 -6.56 1.88
C SER B 5 -31.58 -8.02 1.79
N SER B 6 -32.44 -8.31 0.80
CA SER B 6 -32.90 -9.66 0.55
C SER B 6 -31.82 -10.52 -0.11
N THR B 7 -31.05 -9.90 -1.00
CA THR B 7 -29.94 -10.55 -1.69
C THR B 7 -28.84 -10.97 -0.72
N LYS B 8 -28.54 -10.09 0.24
CA LYS B 8 -27.52 -10.35 1.26
C LYS B 8 -27.88 -11.53 2.17
N LYS B 9 -29.16 -11.61 2.53
CA LYS B 9 -29.68 -12.72 3.34
C LYS B 9 -29.56 -14.05 2.61
N THR B 10 -29.78 -14.02 1.30
CA THR B 10 -29.65 -15.20 0.45
C THR B 10 -28.18 -15.63 0.30
N GLN B 11 -27.28 -14.65 0.19
CA GLN B 11 -25.84 -14.91 0.08
C GLN B 11 -25.28 -15.62 1.31
N LEU B 12 -25.63 -15.13 2.50
CA LEU B 12 -25.16 -15.70 3.76
C LEU B 12 -25.76 -17.07 4.04
N GLN B 13 -26.99 -17.28 3.59
CA GLN B 13 -27.66 -18.57 3.73
C GLN B 13 -27.00 -19.63 2.84
N LEU B 14 -26.64 -19.24 1.61
CA LEU B 14 -25.92 -20.10 0.69
C LEU B 14 -24.49 -20.36 1.17
N GLU B 15 -23.94 -19.37 1.86
CA GLU B 15 -22.63 -19.50 2.52
C GLU B 15 -22.71 -20.52 3.65
N HIS B 16 -23.84 -20.55 4.34
CA HIS B 16 -24.08 -21.49 5.44
C HIS B 16 -24.34 -22.91 4.97
N LEU B 17 -25.09 -23.03 3.87
CA LEU B 17 -25.38 -24.32 3.27
C LEU B 17 -24.11 -24.98 2.73
N LEU B 18 -23.29 -24.18 2.04
CA LEU B 18 -22.00 -24.62 1.53
C LEU B 18 -21.11 -25.16 2.65
N LEU B 19 -21.00 -24.40 3.74
CA LEU B 19 -20.14 -24.75 4.86
C LEU B 19 -20.56 -26.02 5.59
N ASP B 20 -21.86 -26.16 5.82
CA ASP B 20 -22.41 -27.32 6.51
C ASP B 20 -22.17 -28.61 5.72
N LEU B 21 -22.41 -28.55 4.41
CA LEU B 21 -22.17 -29.68 3.52
C LEU B 21 -20.68 -30.00 3.39
N GLN B 22 -19.85 -28.96 3.49
CA GLN B 22 -18.39 -29.11 3.47
C GLN B 22 -17.88 -29.76 4.76
N MET B 23 -18.52 -29.43 5.89
CA MET B 23 -18.19 -30.01 7.18
C MET B 23 -18.43 -31.52 7.19
N ILE B 24 -19.57 -31.93 6.66
CA ILE B 24 -19.96 -33.34 6.59
C ILE B 24 -18.99 -34.14 5.69
N LEU B 25 -18.70 -33.60 4.50
CA LEU B 25 -17.77 -34.21 3.57
C LEU B 25 -16.37 -34.37 4.18
N ASN B 26 -15.94 -33.36 4.93
CA ASN B 26 -14.66 -33.38 5.65
C ASN B 26 -14.60 -34.50 6.69
N GLY B 27 -15.72 -34.75 7.37
CA GLY B 27 -15.82 -35.81 8.35
C GLY B 27 -15.73 -37.19 7.74
N ILE B 28 -16.41 -37.37 6.61
CA ILE B 28 -16.41 -38.64 5.87
C ILE B 28 -15.04 -38.94 5.26
N ASN B 29 -14.31 -37.88 4.89
CA ASN B 29 -12.96 -38.02 4.31
C ASN B 29 -11.94 -38.63 5.26
N ASN B 30 -12.17 -38.46 6.57
CA ASN B 30 -11.24 -38.93 7.59
C ASN B 30 -11.59 -40.31 8.14
N TYR B 31 -12.60 -40.95 7.57
CA TYR B 31 -13.01 -42.29 7.97
C TYR B 31 -11.97 -43.33 7.55
N LYS B 32 -11.80 -44.36 8.36
CA LYS B 32 -10.91 -45.47 8.06
C LYS B 32 -11.46 -46.32 6.90
N ASN B 33 -10.58 -47.09 6.26
CA ASN B 33 -10.94 -47.85 5.04
C ASN B 33 -12.17 -48.78 5.15
N PRO B 34 -12.27 -49.60 6.20
CA PRO B 34 -13.47 -50.43 6.39
C PRO B 34 -14.74 -49.61 6.61
N LYS B 35 -14.64 -48.54 7.39
CA LYS B 35 -15.76 -47.65 7.69
C LYS B 35 -16.23 -46.88 6.45
N LEU B 36 -15.28 -46.40 5.65
CA LEU B 36 -15.57 -45.67 4.43
C LEU B 36 -16.19 -46.57 3.35
N THR B 37 -15.80 -47.85 3.37
CA THR B 37 -16.34 -48.85 2.44
C THR B 37 -17.85 -49.02 2.62
N ARG B 38 -18.28 -49.05 3.89
CA ARG B 38 -19.70 -49.22 4.21
C ARG B 38 -20.50 -47.97 3.86
N MET B 39 -19.89 -46.80 4.02
CA MET B 39 -20.52 -45.53 3.70
C MET B 39 -20.85 -45.40 2.21
N LEU B 40 -19.97 -45.92 1.36
CA LEU B 40 -20.13 -45.82 -0.09
C LEU B 40 -21.13 -46.83 -0.67
N THR B 41 -21.77 -47.63 0.19
CA THR B 41 -22.85 -48.51 -0.24
C THR B 41 -24.18 -47.77 -0.24
N PHE B 42 -24.25 -46.70 0.56
CA PHE B 42 -25.43 -45.84 0.62
C PHE B 42 -25.61 -45.09 -0.69
N LYS B 43 -26.83 -45.12 -1.22
CA LYS B 43 -27.12 -44.52 -2.52
C LYS B 43 -28.04 -43.30 -2.43
N PHE B 44 -27.75 -42.30 -3.25
CA PHE B 44 -28.52 -41.06 -3.30
C PHE B 44 -29.01 -40.79 -4.72
N TYR B 45 -30.12 -40.07 -4.83
CA TYR B 45 -30.63 -39.63 -6.11
C TYR B 45 -30.04 -38.28 -6.49
N MET B 46 -29.78 -38.09 -7.78
CA MET B 46 -29.08 -36.92 -8.28
C MET B 46 -30.01 -36.00 -9.07
N PRO B 47 -29.72 -34.69 -9.08
CA PRO B 47 -30.51 -33.73 -9.87
C PRO B 47 -30.16 -33.80 -11.36
N LYS B 48 -31.19 -33.75 -12.21
CA LYS B 48 -31.00 -33.66 -13.66
C LYS B 48 -30.44 -32.29 -14.01
N LYS B 49 -31.03 -31.25 -13.43
CA LYS B 49 -30.56 -29.89 -13.59
C LYS B 49 -30.49 -29.19 -12.23
N ALA B 50 -29.33 -28.59 -11.95
CA ALA B 50 -29.12 -27.83 -10.73
C ALA B 50 -28.42 -26.51 -11.06
N THR B 51 -29.18 -25.58 -11.61
CA THR B 51 -28.65 -24.29 -12.04
C THR B 51 -29.32 -23.10 -11.33
N GLU B 52 -30.55 -23.32 -10.86
CA GLU B 52 -31.34 -22.27 -10.20
C GLU B 52 -31.68 -22.66 -8.76
N LEU B 53 -32.14 -21.67 -7.98
CA LEU B 53 -32.48 -21.88 -6.57
C LEU B 53 -33.64 -22.84 -6.35
N LYS B 54 -34.60 -22.84 -7.28
CA LYS B 54 -35.78 -23.72 -7.18
C LYS B 54 -35.42 -25.20 -7.37
N HIS B 55 -34.21 -25.47 -7.86
CA HIS B 55 -33.71 -26.82 -8.04
C HIS B 55 -33.21 -27.44 -6.73
N LEU B 56 -33.29 -26.67 -5.64
CA LEU B 56 -32.88 -27.15 -4.31
C LEU B 56 -33.87 -28.17 -3.74
N GLN B 57 -35.04 -28.28 -4.38
CA GLN B 57 -36.05 -29.27 -4.01
C GLN B 57 -35.54 -30.71 -4.13
N CYS B 58 -34.59 -30.94 -5.04
CA CYS B 58 -33.94 -32.23 -5.21
C CYS B 58 -33.11 -32.60 -3.99
N LEU B 59 -32.46 -31.59 -3.40
CA LEU B 59 -31.67 -31.77 -2.18
C LEU B 59 -32.59 -31.98 -0.97
N GLU B 60 -33.68 -31.22 -0.91
CA GLU B 60 -34.65 -31.32 0.18
C GLU B 60 -35.22 -32.74 0.32
N GLU B 61 -35.58 -33.34 -0.82
CA GLU B 61 -36.14 -34.67 -0.85
C GLU B 61 -35.14 -35.74 -0.39
N GLU B 62 -33.85 -35.41 -0.54
CA GLU B 62 -32.76 -36.33 -0.19
C GLU B 62 -32.12 -36.05 1.17
N LEU B 63 -32.72 -35.16 1.96
CA LEU B 63 -32.21 -34.81 3.29
C LEU B 63 -32.54 -35.87 4.33
N LYS B 64 -33.71 -36.50 4.20
CA LYS B 64 -34.09 -37.62 5.05
C LYS B 64 -33.16 -38.83 4.86
N PRO B 65 -32.90 -39.25 3.61
CA PRO B 65 -31.82 -40.21 3.33
C PRO B 65 -30.45 -39.78 3.86
N LEU B 66 -30.12 -38.50 3.76
CA LEU B 66 -28.85 -37.97 4.28
C LEU B 66 -28.75 -38.15 5.79
N GLU B 67 -29.87 -37.98 6.49
CA GLU B 67 -29.94 -38.12 7.94
C GLU B 67 -29.77 -39.58 8.38
N GLU B 68 -30.35 -40.49 7.61
CA GLU B 68 -30.24 -41.92 7.88
C GLU B 68 -28.80 -42.39 7.70
N ALA B 69 -28.16 -41.91 6.65
CA ALA B 69 -26.77 -42.28 6.33
C ALA B 69 -25.81 -41.83 7.43
N LEU B 70 -26.01 -40.61 7.93
CA LEU B 70 -25.18 -40.05 8.99
C LEU B 70 -25.46 -40.70 10.34
N ASN B 71 -26.67 -41.22 10.52
CA ASN B 71 -27.03 -41.97 11.72
C ASN B 71 -26.31 -43.31 11.80
N LEU B 72 -26.07 -43.92 10.64
CA LEU B 72 -25.34 -45.18 10.56
C LEU B 72 -23.83 -44.98 10.73
N ALA B 73 -23.37 -43.73 10.61
CA ALA B 73 -21.95 -43.41 10.67
C ALA B 73 -21.57 -42.61 11.92
N GLN B 74 -22.57 -42.27 12.74
CA GLN B 74 -22.37 -41.43 13.92
C GLN B 74 -21.51 -42.12 14.99
N ARG B 81 -25.27 -34.33 17.01
CA ARG B 81 -26.34 -35.23 16.60
C ARG B 81 -26.82 -34.91 15.18
N PRO B 82 -26.97 -35.95 14.35
CA PRO B 82 -27.40 -35.78 12.95
C PRO B 82 -28.82 -35.23 12.81
N ARG B 83 -29.69 -35.51 13.78
CA ARG B 83 -31.08 -35.05 13.76
C ARG B 83 -31.18 -33.52 13.79
N ASP B 84 -30.34 -32.89 14.59
CA ASP B 84 -30.34 -31.43 14.73
C ASP B 84 -29.60 -30.73 13.60
N LEU B 85 -28.59 -31.41 13.04
CA LEU B 85 -27.81 -30.88 11.93
C LEU B 85 -28.64 -30.75 10.66
N ILE B 86 -29.28 -31.85 10.26
CA ILE B 86 -30.14 -31.88 9.07
C ILE B 86 -31.35 -30.97 9.24
N SER B 87 -31.81 -30.83 10.48
CA SER B 87 -32.89 -29.89 10.82
C SER B 87 -32.50 -28.45 10.52
N ASN B 88 -31.25 -28.09 10.81
CA ASN B 88 -30.72 -26.76 10.51
C ASN B 88 -30.51 -26.53 9.02
N ILE B 89 -30.13 -27.59 8.30
CA ILE B 89 -29.96 -27.52 6.85
C ILE B 89 -31.33 -27.42 6.17
N ASN B 90 -32.32 -28.11 6.75
CA ASN B 90 -33.70 -28.10 6.25
C ASN B 90 -34.31 -26.70 6.20
N VAL B 91 -34.08 -25.91 7.24
CA VAL B 91 -34.59 -24.54 7.33
C VAL B 91 -33.97 -23.66 6.24
N ILE B 92 -32.67 -23.83 6.03
CA ILE B 92 -31.94 -23.05 5.01
C ILE B 92 -32.45 -23.36 3.60
N VAL B 93 -32.53 -24.66 3.27
CA VAL B 93 -32.96 -25.12 1.96
C VAL B 93 -34.38 -24.65 1.61
N LEU B 94 -35.30 -24.82 2.55
CA LEU B 94 -36.70 -24.43 2.35
C LEU B 94 -36.88 -22.92 2.17
N GLU B 95 -36.07 -22.14 2.89
CA GLU B 95 -36.09 -20.69 2.78
C GLU B 95 -35.44 -20.22 1.49
N LEU B 96 -34.31 -20.86 1.13
CA LEU B 96 -33.58 -20.52 -0.09
C LEU B 96 -34.39 -20.83 -1.35
N LYS B 97 -35.11 -21.94 -1.33
CA LYS B 97 -35.93 -22.33 -2.48
C LYS B 97 -37.20 -21.47 -2.59
N GLY B 98 -37.57 -20.82 -1.48
CA GLY B 98 -38.71 -19.92 -1.44
C GLY B 98 -40.05 -20.62 -1.53
N GLU B 100 -42.95 -20.35 -0.87
CA GLU B 100 -44.08 -20.46 -1.79
C GLU B 100 -43.64 -20.82 -3.22
N THR B 101 -42.90 -21.92 -3.35
CA THR B 101 -42.43 -22.40 -4.65
C THR B 101 -42.90 -23.83 -4.90
N THR B 102 -43.42 -24.06 -6.10
CA THR B 102 -43.80 -25.39 -6.55
C THR B 102 -42.95 -25.79 -7.75
N PHE B 103 -42.21 -26.89 -7.59
CA PHE B 103 -41.37 -27.43 -8.65
C PHE B 103 -41.25 -28.94 -8.51
N MET B 104 -41.68 -29.66 -9.55
CA MET B 104 -41.55 -31.10 -9.61
C MET B 104 -40.13 -31.44 -10.09
N CYS B 105 -39.31 -31.91 -9.16
CA CYS B 105 -37.91 -32.24 -9.45
C CYS B 105 -37.81 -33.57 -10.19
N GLU B 106 -37.06 -33.56 -11.30
CA GLU B 106 -36.74 -34.77 -12.04
C GLU B 106 -35.33 -35.21 -11.70
N TYR B 107 -35.15 -36.50 -11.48
CA TYR B 107 -33.84 -37.06 -11.15
C TYR B 107 -33.13 -37.67 -12.36
N ALA B 108 -31.82 -37.86 -12.23
CA ALA B 108 -31.02 -38.57 -13.22
C ALA B 108 -31.25 -40.08 -13.10
N ASP B 109 -30.74 -40.85 -14.07
CA ASP B 109 -30.96 -42.29 -14.11
C ASP B 109 -30.07 -43.05 -13.11
N GLU B 110 -28.80 -42.69 -13.05
CA GLU B 110 -27.84 -43.40 -12.20
C GLU B 110 -27.75 -42.79 -10.79
N THR B 111 -27.61 -43.66 -9.79
CA THR B 111 -27.48 -43.24 -8.39
C THR B 111 -26.03 -42.86 -8.06
N ALA B 112 -25.83 -42.31 -6.88
CA ALA B 112 -24.50 -41.84 -6.46
C ALA B 112 -24.23 -42.05 -4.97
N THR B 113 -22.94 -42.03 -4.63
CA THR B 113 -22.49 -42.16 -3.24
C THR B 113 -22.67 -40.83 -2.49
N ILE B 114 -22.40 -40.85 -1.18
CA ILE B 114 -22.49 -39.65 -0.34
C ILE B 114 -21.47 -38.58 -0.74
N VAL B 115 -20.32 -39.01 -1.25
CA VAL B 115 -19.26 -38.10 -1.64
C VAL B 115 -19.62 -37.38 -2.95
N GLU B 116 -20.14 -38.14 -3.91
CA GLU B 116 -20.61 -37.57 -5.18
C GLU B 116 -21.78 -36.61 -4.95
N PHE B 117 -22.70 -37.02 -4.08
CA PHE B 117 -23.87 -36.25 -3.70
C PHE B 117 -23.51 -34.88 -3.14
N LEU B 118 -22.65 -34.86 -2.13
CA LEU B 118 -22.23 -33.62 -1.47
C LEU B 118 -21.41 -32.72 -2.40
N ASN B 119 -20.52 -33.32 -3.19
CA ASN B 119 -19.69 -32.58 -4.13
C ASN B 119 -20.49 -31.80 -5.18
N ARG B 120 -21.60 -32.37 -5.63
CA ARG B 120 -22.47 -31.70 -6.58
C ARG B 120 -23.21 -30.51 -5.93
N TRP B 121 -23.64 -30.70 -4.69
CA TRP B 121 -24.36 -29.65 -3.97
C TRP B 121 -23.44 -28.55 -3.42
N ILE B 122 -22.18 -28.89 -3.19
CA ILE B 122 -21.15 -27.89 -2.87
C ILE B 122 -20.88 -27.04 -4.13
N THR B 123 -20.76 -27.72 -5.27
CA THR B 123 -20.56 -27.06 -6.56
C THR B 123 -21.74 -26.15 -6.89
N PHE B 124 -22.96 -26.69 -6.76
CA PHE B 124 -24.19 -25.93 -6.97
C PHE B 124 -24.18 -24.63 -6.15
N CYS B 125 -23.89 -24.75 -4.86
CA CYS B 125 -23.81 -23.60 -3.96
C CYS B 125 -22.80 -22.56 -4.44
N GLN B 126 -21.60 -23.01 -4.80
CA GLN B 126 -20.52 -22.13 -5.27
C GLN B 126 -20.88 -21.44 -6.58
N SER B 127 -21.68 -22.12 -7.42
CA SER B 127 -22.14 -21.58 -8.68
C SER B 127 -23.12 -20.41 -8.50
N ILE B 128 -24.03 -20.53 -7.55
CA ILE B 128 -25.02 -19.49 -7.27
C ILE B 128 -24.39 -18.28 -6.57
N ILE B 129 -23.53 -18.52 -5.59
CA ILE B 129 -22.81 -17.46 -4.87
C ILE B 129 -22.00 -16.61 -5.83
N SER B 130 -21.51 -17.25 -6.89
CA SER B 130 -20.72 -16.58 -7.93
C SER B 130 -21.51 -15.51 -8.68
N THR B 131 -22.81 -15.74 -8.85
CA THR B 131 -23.69 -14.80 -9.56
C THR B 131 -24.02 -13.55 -8.73
N LEU B 132 -23.56 -13.53 -7.49
CA LEU B 132 -23.78 -12.41 -6.57
C LEU B 132 -22.66 -12.28 -5.54
N SER C 4 0.51 57.86 -6.15
CA SER C 4 -0.36 57.44 -5.01
C SER C 4 0.47 56.91 -3.84
N SER C 5 -0.03 57.12 -2.64
CA SER C 5 0.62 56.66 -1.41
C SER C 5 0.47 55.16 -1.20
N SER C 6 -0.68 54.63 -1.63
CA SER C 6 -0.97 53.20 -1.53
C SER C 6 -0.15 52.37 -2.51
N THR C 7 0.27 52.99 -3.61
CA THR C 7 1.16 52.37 -4.59
C THR C 7 2.56 52.19 -4.01
N LYS C 8 2.94 53.11 -3.11
CA LYS C 8 4.20 53.00 -2.38
C LYS C 8 4.14 51.89 -1.32
N LYS C 9 2.93 51.66 -0.79
CA LYS C 9 2.70 50.58 0.17
C LYS C 9 2.83 49.20 -0.49
N THR C 10 2.22 49.06 -1.68
CA THR C 10 2.32 47.85 -2.49
C THR C 10 3.78 47.56 -2.86
N GLN C 11 4.52 48.62 -3.18
CA GLN C 11 5.92 48.52 -3.59
C GLN C 11 6.82 48.01 -2.47
N LEU C 12 6.73 48.63 -1.30
CA LEU C 12 7.54 48.25 -0.14
C LEU C 12 7.24 46.83 0.32
N GLN C 13 5.96 46.46 0.30
CA GLN C 13 5.52 45.12 0.67
C GLN C 13 6.06 44.04 -0.28
N LEU C 14 6.12 44.37 -1.56
CA LEU C 14 6.67 43.47 -2.57
C LEU C 14 8.18 43.33 -2.44
N GLU C 15 8.83 44.42 -2.03
CA GLU C 15 10.28 44.45 -1.80
C GLU C 15 10.66 43.62 -0.56
N HIS C 16 9.80 43.64 0.45
CA HIS C 16 10.01 42.90 1.69
C HIS C 16 9.79 41.39 1.50
N LEU C 17 8.79 41.04 0.70
CA LEU C 17 8.51 39.64 0.36
C LEU C 17 9.65 39.03 -0.46
N LEU C 18 10.12 39.81 -1.45
CA LEU C 18 11.26 39.44 -2.27
C LEU C 18 12.51 39.17 -1.41
N LEU C 19 12.71 40.01 -0.40
CA LEU C 19 13.86 39.88 0.49
C LEU C 19 13.78 38.65 1.40
N ASP C 20 12.58 38.35 1.88
CA ASP C 20 12.36 37.20 2.74
C ASP C 20 12.60 35.87 2.00
N LEU C 21 12.15 35.82 0.74
CA LEU C 21 12.35 34.64 -0.10
C LEU C 21 13.81 34.46 -0.49
N GLN C 22 14.49 35.58 -0.73
CA GLN C 22 15.92 35.59 -1.04
C GLN C 22 16.76 35.14 0.15
N MET C 23 16.31 35.50 1.35
CA MET C 23 16.99 35.14 2.59
C MET C 23 16.89 33.65 2.87
N ILE C 24 15.70 33.08 2.67
CA ILE C 24 15.47 31.65 2.84
C ILE C 24 16.36 30.85 1.87
N LEU C 25 16.37 31.27 0.61
CA LEU C 25 17.16 30.62 -0.43
C LEU C 25 18.67 30.70 -0.16
N ASN C 26 19.14 31.86 0.30
CA ASN C 26 20.55 32.08 0.62
C ASN C 26 21.08 31.07 1.64
N GLY C 27 20.28 30.81 2.67
CA GLY C 27 20.63 29.83 3.69
C GLY C 27 20.60 28.40 3.18
N ILE C 28 19.71 28.15 2.22
CA ILE C 28 19.59 26.84 1.57
C ILE C 28 20.80 26.52 0.69
N ASN C 29 21.29 27.54 -0.02
CA ASN C 29 22.46 27.41 -0.90
C ASN C 29 23.76 27.10 -0.17
N ASN C 30 23.78 27.35 1.14
CA ASN C 30 24.97 27.13 1.96
C ASN C 30 24.94 25.82 2.75
N TYR C 31 23.91 25.01 2.53
CA TYR C 31 23.76 23.71 3.19
C TYR C 31 24.81 22.70 2.76
N LYS C 32 25.28 21.90 3.71
CA LYS C 32 26.25 20.83 3.43
C LYS C 32 25.66 19.76 2.51
N ASN C 33 26.52 19.07 1.78
CA ASN C 33 26.11 18.14 0.72
C ASN C 33 25.03 17.10 1.09
N PRO C 34 25.16 16.39 2.21
CA PRO C 34 24.10 15.45 2.64
C PRO C 34 22.78 16.14 3.02
N LYS C 35 22.86 17.36 3.57
CA LYS C 35 21.67 18.12 3.96
C LYS C 35 20.92 18.69 2.74
N LEU C 36 21.68 19.21 1.78
CA LEU C 36 21.10 19.76 0.56
C LEU C 36 20.40 18.69 -0.26
N THR C 37 20.98 17.50 -0.30
CA THR C 37 20.43 16.36 -1.02
C THR C 37 19.04 15.98 -0.50
N ARG C 38 18.91 15.93 0.83
CA ARG C 38 17.66 15.51 1.48
C ARG C 38 16.51 16.50 1.30
N MET C 39 16.83 17.79 1.24
CA MET C 39 15.80 18.82 1.09
C MET C 39 15.35 19.01 -0.36
N LEU C 40 16.10 18.46 -1.31
CA LEU C 40 15.72 18.52 -2.71
C LEU C 40 14.76 17.38 -3.07
N THR C 41 14.40 16.59 -2.06
CA THR C 41 13.38 15.55 -2.22
C THR C 41 11.99 16.09 -1.88
N PHE C 42 11.96 17.24 -1.17
CA PHE C 42 10.72 17.91 -0.81
C PHE C 42 10.13 18.61 -2.03
N LYS C 43 8.99 18.12 -2.50
CA LYS C 43 8.39 18.61 -3.72
C LYS C 43 7.35 19.71 -3.48
N PHE C 44 7.41 20.73 -4.33
CA PHE C 44 6.52 21.89 -4.23
C PHE C 44 5.65 21.99 -5.47
N TYR C 45 4.44 22.52 -5.30
CA TYR C 45 3.56 22.81 -6.43
C TYR C 45 3.91 24.17 -7.02
N MET C 46 3.94 24.23 -8.35
CA MET C 46 4.32 25.43 -9.09
C MET C 46 3.14 26.07 -9.80
N PRO C 47 3.19 27.39 -10.03
CA PRO C 47 2.13 28.10 -10.76
C PRO C 47 2.19 27.86 -12.27
N LYS C 48 1.04 27.83 -12.90
CA LYS C 48 0.95 27.78 -14.36
C LYS C 48 1.09 29.18 -14.94
N LYS C 49 0.50 30.16 -14.24
CA LYS C 49 0.58 31.57 -14.59
C LYS C 49 0.90 32.41 -13.36
N ALA C 50 1.86 33.33 -13.50
CA ALA C 50 2.22 34.26 -12.44
C ALA C 50 2.64 35.62 -12.99
N THR C 51 1.66 36.41 -13.41
CA THR C 51 1.91 37.72 -14.01
C THR C 51 1.20 38.85 -13.26
N GLU C 52 0.23 38.48 -12.42
CA GLU C 52 -0.58 39.44 -11.68
C GLU C 52 -0.57 39.14 -10.18
N LEU C 53 -0.96 40.14 -9.39
CA LEU C 53 -0.94 40.06 -7.93
C LEU C 53 -1.92 39.02 -7.36
N LYS C 54 -3.03 38.80 -8.07
CA LYS C 54 -4.04 37.81 -7.64
C LYS C 54 -3.53 36.37 -7.71
N HIS C 55 -2.48 36.16 -8.50
CA HIS C 55 -1.87 34.84 -8.67
C HIS C 55 -1.03 34.42 -7.46
N LEU C 56 -0.85 35.34 -6.51
CA LEU C 56 -0.13 35.07 -5.27
C LEU C 56 -0.80 34.02 -4.39
N GLN C 57 -2.03 33.65 -4.75
CA GLN C 57 -2.78 32.59 -4.09
C GLN C 57 -2.08 31.25 -4.19
N CYS C 58 -1.33 31.07 -5.27
CA CYS C 58 -0.50 29.88 -5.50
C CYS C 58 0.64 29.78 -4.50
N LEU C 59 1.15 30.94 -4.08
CA LEU C 59 2.19 31.01 -3.05
C LEU C 59 1.59 30.77 -1.66
N GLU C 60 0.49 31.47 -1.38
CA GLU C 60 -0.21 31.35 -0.10
C GLU C 60 -0.51 29.90 0.27
N GLU C 61 -1.08 29.17 -0.69
CA GLU C 61 -1.44 27.77 -0.51
C GLU C 61 -0.23 26.87 -0.28
N GLU C 62 0.94 27.31 -0.72
CA GLU C 62 2.19 26.56 -0.62
C GLU C 62 3.08 27.01 0.54
N LEU C 63 2.56 27.90 1.40
CA LEU C 63 3.32 28.39 2.54
C LEU C 63 3.41 27.37 3.68
N LYS C 64 2.38 26.54 3.81
CA LYS C 64 2.35 25.46 4.81
C LYS C 64 3.37 24.34 4.53
N PRO C 65 3.46 23.85 3.29
CA PRO C 65 4.58 22.99 2.88
C PRO C 65 5.94 23.66 3.10
N LEU C 66 6.01 24.96 2.81
CA LEU C 66 7.24 25.74 3.01
C LEU C 66 7.63 25.83 4.47
N GLU C 67 6.63 25.98 5.34
CA GLU C 67 6.85 25.98 6.79
C GLU C 67 7.25 24.60 7.28
N GLU C 68 6.70 23.57 6.63
CA GLU C 68 7.03 22.18 6.93
C GLU C 68 8.47 21.83 6.54
N ALA C 69 8.87 22.23 5.35
CA ALA C 69 10.22 21.99 4.84
C ALA C 69 11.30 22.68 5.66
N LEU C 70 11.02 23.91 6.09
CA LEU C 70 11.97 24.68 6.91
C LEU C 70 12.11 24.12 8.32
N ASN C 71 11.03 23.52 8.83
CA ASN C 71 11.04 22.85 10.13
C ASN C 71 11.97 21.63 10.12
N LEU C 72 11.95 20.89 9.02
CA LEU C 72 12.81 19.73 8.85
C LEU C 72 14.29 20.12 8.69
N ALA C 73 14.53 21.34 8.21
CA ALA C 73 15.87 21.86 8.01
C ALA C 73 16.19 23.02 8.96
N GLN C 74 16.42 22.69 10.23
CA GLN C 74 16.75 23.69 11.23
C GLN C 74 17.59 23.08 12.35
N ARG C 81 12.87 31.48 13.70
CA ARG C 81 11.98 30.33 13.85
C ARG C 81 11.00 30.25 12.67
N PRO C 82 10.88 29.06 12.06
CA PRO C 82 10.06 28.87 10.85
C PRO C 82 8.57 29.22 11.03
N ARG C 83 8.01 28.94 12.20
CA ARG C 83 6.62 29.27 12.49
C ARG C 83 6.36 30.78 12.46
N ASP C 84 7.31 31.55 12.99
CA ASP C 84 7.19 33.00 13.08
C ASP C 84 7.48 33.69 11.74
N LEU C 85 8.49 33.18 11.03
CA LEU C 85 8.90 33.74 9.74
C LEU C 85 7.81 33.59 8.67
N ILE C 86 7.20 32.41 8.62
CA ILE C 86 6.15 32.10 7.64
C ILE C 86 4.87 32.88 7.91
N SER C 87 4.57 33.12 9.19
CA SER C 87 3.42 33.92 9.60
C SER C 87 3.55 35.37 9.16
N ASN C 88 4.77 35.89 9.19
CA ASN C 88 5.08 37.25 8.72
C ASN C 88 4.91 37.36 7.21
N ILE C 89 5.39 36.35 6.48
CA ILE C 89 5.25 36.28 5.03
C ILE C 89 3.77 36.15 4.64
N ASN C 90 3.04 35.33 5.39
CA ASN C 90 1.60 35.11 5.21
C ASN C 90 0.81 36.42 5.16
N VAL C 91 1.08 37.29 6.14
CA VAL C 91 0.42 38.60 6.24
C VAL C 91 0.62 39.41 4.95
N ILE C 92 1.89 39.52 4.52
CA ILE C 92 2.25 40.27 3.33
C ILE C 92 1.62 39.65 2.06
N VAL C 93 1.70 38.33 1.94
CA VAL C 93 1.13 37.61 0.79
C VAL C 93 -0.39 37.86 0.68
N LEU C 94 -1.08 37.74 1.81
CA LEU C 94 -2.54 37.95 1.84
C LEU C 94 -2.93 39.40 1.57
N GLU C 95 -2.12 40.35 2.04
CA GLU C 95 -2.38 41.77 1.85
C GLU C 95 -2.09 42.22 0.42
N LEU C 96 -1.08 41.61 -0.21
CA LEU C 96 -0.65 41.98 -1.55
C LEU C 96 -1.66 41.62 -2.63
N LYS C 97 -2.42 40.54 -2.41
CA LYS C 97 -3.46 40.11 -3.35
C LYS C 97 -4.85 40.62 -2.98
N GLY C 98 -5.02 41.00 -1.71
CA GLY C 98 -6.29 41.52 -1.22
C GLY C 98 -7.07 40.51 -0.40
N GLU C 100 -9.32 39.75 -4.96
CA GLU C 100 -10.45 40.59 -4.52
C GLU C 100 -11.45 39.80 -3.69
N THR C 101 -11.89 38.65 -4.21
CA THR C 101 -12.84 37.79 -3.51
C THR C 101 -12.24 36.40 -3.26
N THR C 102 -12.19 35.59 -4.32
CA THR C 102 -11.63 34.24 -4.27
C THR C 102 -11.21 33.80 -5.67
N PHE C 103 -9.95 33.41 -5.81
CA PHE C 103 -9.39 33.03 -7.10
C PHE C 103 -8.86 31.60 -7.06
N MET C 104 -9.23 30.81 -8.07
CA MET C 104 -8.79 29.42 -8.18
C MET C 104 -7.42 29.36 -8.85
N CYS C 105 -6.47 28.72 -8.17
CA CYS C 105 -5.09 28.65 -8.65
C CYS C 105 -4.85 27.39 -9.47
N GLU C 106 -4.34 27.58 -10.69
CA GLU C 106 -4.02 26.49 -11.59
C GLU C 106 -2.54 26.11 -11.48
N TYR C 107 -2.28 24.88 -11.07
CA TYR C 107 -0.92 24.38 -10.91
C TYR C 107 -0.43 23.62 -12.13
N ALA C 108 0.88 23.73 -12.40
CA ALA C 108 1.52 22.98 -13.48
C ALA C 108 1.55 21.48 -13.17
N ASP C 109 1.79 20.67 -14.19
CA ASP C 109 1.83 19.22 -14.06
C ASP C 109 3.03 18.73 -13.28
N GLU C 110 4.20 19.34 -13.53
CA GLU C 110 5.45 18.91 -12.92
C GLU C 110 5.78 19.71 -11.66
N THR C 111 6.05 18.98 -10.57
CA THR C 111 6.46 19.59 -9.31
C THR C 111 7.93 20.02 -9.37
N ALA C 112 8.31 20.92 -8.47
CA ALA C 112 9.68 21.42 -8.41
C ALA C 112 10.23 21.36 -6.99
N THR C 113 11.53 21.64 -6.86
CA THR C 113 12.19 21.69 -5.56
C THR C 113 12.03 23.07 -4.92
N ILE C 114 12.51 23.20 -3.68
CA ILE C 114 12.48 24.45 -2.94
C ILE C 114 13.27 25.57 -3.65
N VAL C 115 14.31 25.18 -4.38
CA VAL C 115 15.17 26.12 -5.09
C VAL C 115 14.44 26.74 -6.28
N GLU C 116 13.78 25.92 -7.09
CA GLU C 116 12.99 26.41 -8.22
C GLU C 116 11.75 27.15 -7.75
N PHE C 117 11.15 26.65 -6.66
CA PHE C 117 9.95 27.26 -6.08
C PHE C 117 10.22 28.70 -5.65
N LEU C 118 11.27 28.89 -4.85
CA LEU C 118 11.63 30.20 -4.33
C LEU C 118 12.02 31.15 -5.46
N ASN C 119 12.86 30.68 -6.38
CA ASN C 119 13.34 31.49 -7.50
C ASN C 119 12.22 32.01 -8.41
N ARG C 120 11.22 31.17 -8.67
CA ARG C 120 10.05 31.56 -9.46
C ARG C 120 9.32 32.75 -8.81
N TRP C 121 9.09 32.65 -7.50
CA TRP C 121 8.41 33.70 -6.75
C TRP C 121 9.30 34.93 -6.53
N ILE C 122 10.61 34.73 -6.52
CA ILE C 122 11.58 35.83 -6.52
C ILE C 122 11.52 36.59 -7.84
N THR C 123 11.44 35.84 -8.95
CA THR C 123 11.30 36.42 -10.28
C THR C 123 9.93 37.08 -10.45
N PHE C 124 8.91 36.48 -9.84
CA PHE C 124 7.55 37.04 -9.84
C PHE C 124 7.53 38.43 -9.19
N CYS C 125 8.17 38.55 -8.03
CA CYS C 125 8.20 39.80 -7.28
C CYS C 125 8.95 40.89 -8.05
N GLN C 126 10.08 40.52 -8.67
CA GLN C 126 10.87 41.44 -9.47
C GLN C 126 10.10 41.93 -10.70
N SER C 127 9.25 41.06 -11.25
CA SER C 127 8.42 41.39 -12.40
C SER C 127 7.40 42.47 -12.08
N ILE C 128 6.78 42.39 -10.90
CA ILE C 128 5.74 43.35 -10.50
C ILE C 128 6.32 44.68 -10.03
N ILE C 129 7.43 44.63 -9.28
CA ILE C 129 8.07 45.85 -8.78
C ILE C 129 8.44 46.80 -9.91
N SER C 130 8.94 46.24 -11.01
CA SER C 130 9.37 47.03 -12.17
C SER C 130 8.24 47.76 -12.89
N THR C 131 7.02 47.23 -12.80
CA THR C 131 5.85 47.84 -13.43
C THR C 131 5.28 49.02 -12.64
N LEU C 132 5.72 49.17 -11.39
CA LEU C 132 5.31 50.29 -10.55
C LEU C 132 6.49 50.86 -9.76
N SER D 4 -3.24 -31.11 5.01
CA SER D 4 -3.65 -32.27 5.85
C SER D 4 -5.11 -32.16 6.29
N SER D 5 -5.63 -33.24 6.88
CA SER D 5 -7.01 -33.30 7.35
C SER D 5 -7.26 -32.38 8.56
N SER D 6 -6.23 -32.20 9.38
CA SER D 6 -6.30 -31.37 10.57
C SER D 6 -6.42 -29.88 10.26
N THR D 7 -5.67 -29.44 9.24
CA THR D 7 -5.64 -28.03 8.84
C THR D 7 -6.94 -27.60 8.13
N LYS D 8 -7.54 -28.52 7.39
CA LYS D 8 -8.79 -28.25 6.68
C LYS D 8 -9.96 -28.06 7.65
N LYS D 9 -9.92 -28.78 8.76
CA LYS D 9 -10.91 -28.62 9.83
C LYS D 9 -10.79 -27.23 10.47
N THR D 10 -9.56 -26.80 10.69
CA THR D 10 -9.26 -25.45 11.20
C THR D 10 -9.72 -24.37 10.22
N GLN D 11 -9.55 -24.66 8.92
CA GLN D 11 -10.00 -23.76 7.86
C GLN D 11 -11.52 -23.59 7.88
N LEU D 12 -12.24 -24.70 8.08
CA LEU D 12 -13.70 -24.69 8.13
C LEU D 12 -14.21 -24.07 9.42
N GLN D 13 -13.50 -24.30 10.51
CA GLN D 13 -13.85 -23.73 11.82
C GLN D 13 -13.80 -22.20 11.80
N LEU D 14 -12.75 -21.65 11.21
CA LEU D 14 -12.62 -20.20 11.06
C LEU D 14 -13.65 -19.64 10.10
N GLU D 15 -13.94 -20.39 9.04
CA GLU D 15 -14.93 -19.99 8.04
C GLU D 15 -16.34 -19.93 8.61
N HIS D 16 -16.63 -20.82 9.56
CA HIS D 16 -17.93 -20.86 10.23
C HIS D 16 -18.06 -19.72 11.25
N LEU D 17 -16.98 -19.45 11.99
CA LEU D 17 -16.95 -18.35 12.96
C LEU D 17 -17.11 -17.00 12.26
N LEU D 18 -16.44 -16.84 11.13
CA LEU D 18 -16.50 -15.62 10.33
C LEU D 18 -17.90 -15.41 9.74
N LEU D 19 -18.53 -16.50 9.32
CA LEU D 19 -19.90 -16.47 8.80
C LEU D 19 -20.91 -16.06 9.87
N ASP D 20 -20.72 -16.58 11.08
CA ASP D 20 -21.58 -16.25 12.22
C ASP D 20 -21.48 -14.77 12.59
N LEU D 21 -20.27 -14.23 12.59
CA LEU D 21 -20.05 -12.80 12.86
C LEU D 21 -20.59 -11.93 11.73
N GLN D 22 -20.53 -12.43 10.50
CA GLN D 22 -21.12 -11.76 9.33
C GLN D 22 -22.64 -11.76 9.41
N MET D 23 -23.20 -12.82 10.00
CA MET D 23 -24.65 -12.95 10.17
C MET D 23 -25.20 -11.99 11.21
N ILE D 24 -24.42 -11.75 12.26
CA ILE D 24 -24.79 -10.80 13.30
C ILE D 24 -24.76 -9.36 12.77
N LEU D 25 -23.70 -9.02 12.03
CA LEU D 25 -23.50 -7.68 11.50
C LEU D 25 -24.56 -7.29 10.48
N ASN D 26 -24.89 -8.22 9.60
CA ASN D 26 -25.90 -7.99 8.58
C ASN D 26 -27.28 -7.64 9.16
N GLY D 27 -27.64 -8.33 10.24
CA GLY D 27 -28.88 -8.07 10.94
C GLY D 27 -28.88 -6.73 11.65
N ILE D 28 -27.72 -6.36 12.18
CA ILE D 28 -27.52 -5.07 12.83
C ILE D 28 -27.63 -3.91 11.83
N ASN D 29 -27.23 -4.15 10.60
CA ASN D 29 -27.35 -3.16 9.53
C ASN D 29 -28.81 -2.93 9.12
N ASN D 30 -29.62 -3.98 9.24
CA ASN D 30 -31.05 -3.90 8.90
C ASN D 30 -31.89 -3.12 9.91
N TYR D 31 -31.29 -2.78 11.06
CA TYR D 31 -31.96 -2.00 12.09
C TYR D 31 -32.31 -0.61 11.57
N LYS D 32 -33.50 -0.14 11.95
CA LYS D 32 -33.95 1.21 11.61
C LYS D 32 -33.08 2.24 12.32
N ASN D 33 -33.01 3.45 11.76
CA ASN D 33 -32.17 4.52 12.31
C ASN D 33 -32.19 4.68 13.83
N PRO D 34 -33.37 4.79 14.45
CA PRO D 34 -33.46 4.84 15.92
C PRO D 34 -32.78 3.66 16.61
N LYS D 35 -33.01 2.44 16.12
CA LYS D 35 -32.43 1.23 16.68
C LYS D 35 -30.90 1.22 16.55
N LEU D 36 -30.41 1.63 15.39
CA LEU D 36 -28.99 1.62 15.07
C LEU D 36 -28.20 2.62 15.90
N THR D 37 -28.77 3.82 16.08
CA THR D 37 -28.09 4.91 16.78
C THR D 37 -27.79 4.57 18.24
N ARG D 38 -28.74 3.93 18.91
CA ARG D 38 -28.55 3.50 20.29
C ARG D 38 -27.66 2.26 20.39
N MET D 39 -27.74 1.40 19.38
CA MET D 39 -26.89 0.21 19.29
C MET D 39 -25.41 0.57 19.21
N LEU D 40 -25.13 1.66 18.50
CA LEU D 40 -23.75 2.11 18.27
C LEU D 40 -23.10 2.78 19.48
N THR D 41 -23.87 2.98 20.54
CA THR D 41 -23.32 3.53 21.80
C THR D 41 -22.73 2.43 22.70
N PHE D 42 -23.13 1.18 22.46
CA PHE D 42 -22.61 0.04 23.21
C PHE D 42 -21.14 -0.21 22.89
N LYS D 43 -20.28 0.03 23.87
CA LYS D 43 -18.83 0.01 23.65
C LYS D 43 -18.19 -1.35 23.89
N PHE D 44 -17.28 -1.71 22.99
CA PHE D 44 -16.61 -3.01 23.02
C PHE D 44 -15.09 -2.86 23.12
N TYR D 45 -14.47 -3.77 23.86
CA TYR D 45 -13.01 -3.81 23.98
C TYR D 45 -12.39 -4.42 22.74
N MET D 46 -11.22 -3.91 22.38
CA MET D 46 -10.51 -4.36 21.17
C MET D 46 -9.15 -4.94 21.54
N PRO D 47 -8.70 -5.95 20.80
CA PRO D 47 -7.37 -6.54 21.03
C PRO D 47 -6.23 -5.60 20.64
N LYS D 48 -5.12 -5.68 21.35
CA LYS D 48 -3.91 -4.92 21.00
C LYS D 48 -3.26 -5.55 19.77
N LYS D 49 -3.13 -6.87 19.81
CA LYS D 49 -2.56 -7.63 18.70
C LYS D 49 -3.47 -8.79 18.30
N ALA D 50 -3.73 -8.92 17.00
CA ALA D 50 -4.56 -9.99 16.47
C ALA D 50 -3.90 -10.61 15.24
N THR D 51 -2.90 -11.47 15.48
CA THR D 51 -2.12 -12.08 14.41
C THR D 51 -2.07 -13.61 14.54
N GLU D 52 -2.31 -14.10 15.76
CA GLU D 52 -2.21 -15.51 16.08
C GLU D 52 -3.56 -16.05 16.58
N LEU D 53 -3.68 -17.37 16.65
CA LEU D 53 -4.92 -18.01 17.09
C LEU D 53 -5.22 -17.83 18.58
N LYS D 54 -4.17 -17.74 19.39
CA LYS D 54 -4.33 -17.55 20.84
C LYS D 54 -4.97 -16.20 21.22
N HIS D 55 -4.88 -15.23 20.31
CA HIS D 55 -5.47 -13.90 20.52
C HIS D 55 -7.00 -13.91 20.47
N LEU D 56 -7.58 -15.07 20.19
CA LEU D 56 -9.04 -15.24 20.14
C LEU D 56 -9.70 -15.06 21.51
N GLN D 57 -8.88 -15.09 22.57
CA GLN D 57 -9.37 -14.90 23.93
C GLN D 57 -9.90 -13.49 24.16
N CYS D 58 -9.39 -12.54 23.37
CA CYS D 58 -9.92 -11.18 23.36
C CYS D 58 -11.37 -11.16 22.87
N LEU D 59 -11.68 -12.00 21.88
CA LEU D 59 -13.04 -12.17 21.40
C LEU D 59 -13.88 -12.95 22.41
N GLU D 60 -13.29 -14.00 22.99
CA GLU D 60 -13.96 -14.87 23.95
C GLU D 60 -14.50 -14.11 25.17
N GLU D 61 -13.66 -13.25 25.76
CA GLU D 61 -14.04 -12.45 26.92
C GLU D 61 -15.10 -11.41 26.59
N GLU D 62 -15.11 -10.95 25.34
CA GLU D 62 -16.06 -9.93 24.91
C GLU D 62 -17.33 -10.53 24.30
N LEU D 63 -17.55 -11.83 24.52
CA LEU D 63 -18.74 -12.53 24.02
C LEU D 63 -20.00 -12.28 24.85
N LYS D 64 -19.82 -12.10 26.16
CA LYS D 64 -20.95 -11.83 27.06
C LYS D 64 -21.54 -10.42 26.88
N PRO D 65 -20.70 -9.39 26.70
CA PRO D 65 -21.21 -8.06 26.31
C PRO D 65 -21.88 -8.08 24.93
N LEU D 66 -21.37 -8.89 24.01
CA LEU D 66 -21.99 -9.07 22.70
C LEU D 66 -23.40 -9.66 22.84
N GLU D 67 -23.54 -10.66 23.71
CA GLU D 67 -24.83 -11.28 24.01
C GLU D 67 -25.76 -10.28 24.70
N GLU D 68 -25.21 -9.51 25.63
CA GLU D 68 -25.96 -8.48 26.35
C GLU D 68 -26.47 -7.39 25.40
N ALA D 69 -25.66 -7.04 24.40
CA ALA D 69 -26.03 -6.04 23.40
C ALA D 69 -27.13 -6.53 22.47
N LEU D 70 -27.02 -7.78 22.03
CA LEU D 70 -28.01 -8.40 21.13
C LEU D 70 -29.32 -8.72 21.84
N ASN D 71 -29.25 -8.87 23.17
CA ASN D 71 -30.44 -9.03 23.99
C ASN D 71 -31.22 -7.72 24.14
N LEU D 72 -30.50 -6.59 24.11
CA LEU D 72 -31.12 -5.26 24.16
C LEU D 72 -31.87 -4.95 22.88
N ALA D 73 -31.29 -5.37 21.75
CA ALA D 73 -31.92 -5.18 20.44
C ALA D 73 -32.78 -6.40 20.09
N GLN D 74 -33.92 -6.51 20.77
CA GLN D 74 -34.82 -7.65 20.62
C GLN D 74 -35.45 -7.71 19.22
N ARG D 81 -32.08 -17.42 18.60
CA ARG D 81 -32.01 -16.79 19.91
C ARG D 81 -30.57 -16.41 20.26
N PRO D 82 -30.36 -15.22 20.84
CA PRO D 82 -29.02 -14.71 21.15
C PRO D 82 -28.25 -15.55 22.17
N ARG D 83 -28.96 -16.36 22.97
CA ARG D 83 -28.33 -17.21 23.98
C ARG D 83 -27.61 -18.41 23.35
N ASP D 84 -28.24 -19.01 22.34
CA ASP D 84 -27.69 -20.18 21.65
C ASP D 84 -26.67 -19.80 20.58
N LEU D 85 -26.87 -18.64 19.95
CA LEU D 85 -25.99 -18.14 18.91
C LEU D 85 -24.60 -17.76 19.45
N ILE D 86 -24.59 -17.15 20.63
CA ILE D 86 -23.33 -16.80 21.31
C ILE D 86 -22.65 -18.06 21.87
N SER D 87 -23.46 -19.01 22.31
CA SER D 87 -22.96 -20.31 22.76
C SER D 87 -22.29 -21.06 21.62
N ASN D 88 -22.87 -20.95 20.42
CA ASN D 88 -22.33 -21.59 19.22
C ASN D 88 -20.97 -21.01 18.84
N ILE D 89 -20.88 -19.68 18.85
CA ILE D 89 -19.62 -18.99 18.58
C ILE D 89 -18.56 -19.35 19.63
N ASN D 90 -18.96 -19.35 20.90
CA ASN D 90 -18.07 -19.67 22.00
C ASN D 90 -17.42 -21.06 21.87
N VAL D 91 -18.20 -22.02 21.37
CA VAL D 91 -17.70 -23.38 21.13
C VAL D 91 -16.61 -23.37 20.05
N ILE D 92 -16.90 -22.74 18.91
CA ILE D 92 -15.94 -22.62 17.81
C ILE D 92 -14.66 -21.90 18.28
N VAL D 93 -14.84 -20.81 19.03
CA VAL D 93 -13.73 -20.02 19.56
C VAL D 93 -12.82 -20.87 20.46
N LEU D 94 -13.42 -21.59 21.40
CA LEU D 94 -12.69 -22.46 22.32
C LEU D 94 -12.01 -23.63 21.62
N GLU D 95 -12.59 -24.07 20.51
CA GLU D 95 -12.01 -25.15 19.72
C GLU D 95 -10.79 -24.67 18.93
N LEU D 96 -10.86 -23.45 18.41
CA LEU D 96 -9.81 -22.86 17.60
C LEU D 96 -8.55 -22.53 18.40
N LYS D 97 -8.72 -21.76 19.48
CA LYS D 97 -7.60 -21.35 20.32
C LYS D 97 -7.21 -22.41 21.35
N GLY D 98 -7.94 -23.53 21.33
CA GLY D 98 -7.68 -24.63 22.25
C GLY D 98 -8.25 -24.37 23.63
N SER D 99 -9.27 -25.14 24.00
CA SER D 99 -9.91 -25.02 25.31
C SER D 99 -8.97 -25.50 26.43
N GLU D 100 -9.39 -25.27 27.67
CA GLU D 100 -8.61 -25.59 28.87
C GLU D 100 -7.41 -24.65 29.10
N THR D 101 -6.90 -24.06 28.01
CA THR D 101 -5.79 -23.09 28.08
C THR D 101 -6.32 -21.66 28.20
N THR D 102 -5.65 -20.85 29.02
CA THR D 102 -6.01 -19.45 29.22
C THR D 102 -4.79 -18.54 29.06
N PHE D 103 -4.92 -17.54 28.19
CA PHE D 103 -3.86 -16.53 27.98
C PHE D 103 -4.33 -15.15 28.43
N MET D 104 -3.40 -14.36 28.98
CA MET D 104 -3.69 -12.98 29.34
C MET D 104 -3.69 -12.12 28.09
N CYS D 105 -4.88 -11.63 27.70
CA CYS D 105 -5.03 -10.84 26.49
C CYS D 105 -4.72 -9.37 26.74
N GLU D 106 -4.01 -8.76 25.79
CA GLU D 106 -3.71 -7.33 25.82
C GLU D 106 -4.77 -6.55 25.06
N TYR D 107 -5.32 -5.53 25.70
CA TYR D 107 -6.35 -4.70 25.10
C TYR D 107 -5.80 -3.36 24.63
N ALA D 108 -6.44 -2.80 23.60
CA ALA D 108 -6.13 -1.45 23.13
C ALA D 108 -6.75 -0.43 24.07
N ASP D 109 -6.29 0.82 23.97
CA ASP D 109 -6.81 1.90 24.82
C ASP D 109 -8.24 2.29 24.44
N GLU D 110 -8.46 2.58 23.16
CA GLU D 110 -9.74 3.06 22.66
C GLU D 110 -10.79 1.95 22.55
N THR D 111 -12.00 2.25 23.00
CA THR D 111 -13.14 1.34 22.82
C THR D 111 -13.78 1.60 21.45
N ALA D 112 -14.53 0.60 20.96
CA ALA D 112 -15.13 0.67 19.64
C ALA D 112 -16.62 0.31 19.68
N THR D 113 -17.32 0.58 18.59
CA THR D 113 -18.71 0.18 18.42
C THR D 113 -18.79 -1.30 18.05
N ILE D 114 -20.00 -1.86 18.05
CA ILE D 114 -20.24 -3.25 17.66
C ILE D 114 -19.82 -3.56 16.22
N VAL D 115 -19.96 -2.58 15.33
CA VAL D 115 -19.60 -2.73 13.92
C VAL D 115 -18.08 -2.83 13.76
N GLU D 116 -17.36 -1.88 14.36
CA GLU D 116 -15.90 -1.87 14.39
C GLU D 116 -15.37 -3.11 15.12
N PHE D 117 -16.06 -3.52 16.18
CA PHE D 117 -15.73 -4.74 16.93
C PHE D 117 -15.79 -5.97 16.03
N LEU D 118 -16.92 -6.16 15.36
CA LEU D 118 -17.11 -7.31 14.48
C LEU D 118 -16.20 -7.25 13.23
N ASN D 119 -16.04 -6.05 12.67
CA ASN D 119 -15.17 -5.83 11.50
C ASN D 119 -13.76 -6.33 11.76
N ARG D 120 -13.23 -6.02 12.95
CA ARG D 120 -11.89 -6.46 13.34
C ARG D 120 -11.76 -7.98 13.34
N TRP D 121 -12.74 -8.67 13.92
CA TRP D 121 -12.70 -10.12 14.04
C TRP D 121 -13.00 -10.86 12.74
N ILE D 122 -13.87 -10.26 11.92
CA ILE D 122 -14.16 -10.79 10.58
C ILE D 122 -12.90 -10.74 9.71
N THR D 123 -12.17 -9.62 9.80
CA THR D 123 -10.89 -9.45 9.10
C THR D 123 -9.83 -10.40 9.64
N PHE D 124 -9.74 -10.49 10.97
CA PHE D 124 -8.82 -11.40 11.65
C PHE D 124 -8.95 -12.83 11.11
N CYS D 125 -10.19 -13.31 11.04
CA CYS D 125 -10.49 -14.65 10.54
C CYS D 125 -9.97 -14.85 9.11
N GLN D 126 -10.16 -13.84 8.27
CA GLN D 126 -9.69 -13.88 6.89
C GLN D 126 -8.17 -13.86 6.78
N SER D 127 -7.53 -13.18 7.73
CA SER D 127 -6.07 -13.11 7.81
C SER D 127 -5.44 -14.45 8.15
N ILE D 128 -6.04 -15.17 9.11
CA ILE D 128 -5.55 -16.48 9.52
C ILE D 128 -5.86 -17.56 8.47
N ILE D 129 -7.02 -17.44 7.82
CA ILE D 129 -7.42 -18.37 6.75
C ILE D 129 -6.45 -18.33 5.56
N SER D 130 -5.95 -17.14 5.24
CA SER D 130 -5.04 -16.94 4.12
C SER D 130 -3.66 -17.55 4.33
N THR D 131 -3.21 -17.59 5.59
CA THR D 131 -1.91 -18.17 5.93
C THR D 131 -1.91 -19.71 5.85
N LEU D 132 -3.10 -20.30 6.01
CA LEU D 132 -3.27 -21.74 5.86
C LEU D 132 -4.28 -22.07 4.75
ZN ZN E . 28.98 -0.69 -18.06
O47 FRI F . 30.99 23.90 -4.56
C30 FRI F . 30.07 23.09 -4.66
C29 FRI F . 30.38 21.64 -4.97
N3 FRI F . 31.81 21.40 -5.15
C27 FRI F . 32.58 20.83 -4.22
O46 FRI F . 32.14 20.30 -3.21
C26 FRI F . 34.06 20.85 -4.51
C41 FRI F . 34.66 22.09 -3.86
C32 FRI F . 35.55 22.88 -4.83
C37 FRI F . 36.82 23.33 -4.12
C36 FRI F . 34.82 24.07 -5.42
N7 FRI F . 34.74 19.66 -4.05
C24 FRI F . 35.74 19.08 -4.72
N5 FRI F . 35.82 19.16 -6.05
N4 FRI F . 36.68 18.40 -4.06
N2 FRI F . 28.80 23.45 -4.50
C31 FRI F . 27.92 22.74 -3.54
C39 FRI F . 26.55 22.50 -4.17
C19 FRI F . 25.98 23.82 -4.69
C21 FRI F . 26.89 24.28 -5.80
C43 FRI F . 28.27 24.62 -5.22
C23 FRI F . 24.56 23.67 -5.14
N8 FRI F . 23.50 24.50 -4.94
C38 FRI F . 23.43 25.70 -4.12
N6 FRI F . 22.39 24.07 -5.66
C13 FRI F . 23.96 22.77 -5.76
C14 FRI F . 22.76 22.86 -6.22
C11 FRI F . 21.98 21.92 -7.06
C15 FRI F . 20.59 21.93 -6.95
C17 FRI F . 19.82 21.03 -7.69
C20 FRI F . 20.45 20.19 -8.61
C33 FRI F . 21.83 20.18 -8.72
C34 FRI F . 22.60 21.03 -7.95
CL10 FRI F . 24.38 20.96 -8.15
CL9 FRI F . 22.63 19.05 -9.86
O45 FRI F . 19.73 19.35 -9.41
C40 FRI F . 18.31 19.30 -9.24
C22 FRI F . 17.72 20.67 -9.47
C28 FRI F . 16.36 20.87 -9.23
C25 FRI F . 15.79 22.11 -9.60
C35 FRI F . 16.64 23.18 -9.92
C18 FRI F . 18.00 22.96 -10.15
C16 FRI F . 18.53 21.70 -9.92
N1 FRI F . 16.10 24.43 -10.00
C12 FRI F . 15.73 24.99 -11.16
O44 FRI F . 15.78 26.20 -11.33
C42 FRI F . 15.23 24.06 -12.22
ZN ZN G . -23.91 -24.28 11.39
ZN ZN H . -33.51 -47.32 5.63
O47 FRI I . -28.90 -47.45 -0.54
C30 FRI I . -29.15 -47.16 0.62
C29 FRI I . -29.77 -45.80 0.86
N3 FRI I . -31.20 -45.77 1.12
C27 FRI I . -32.18 -45.81 0.21
O46 FRI I . -33.23 -46.40 0.44
C26 FRI I . -32.00 -45.10 -1.12
C41 FRI I . -32.14 -46.13 -2.24
C32 FRI I . -32.81 -45.63 -3.52
C37 FRI I . -33.85 -46.63 -4.02
C36 FRI I . -31.78 -45.33 -4.60
N7 FRI I . -32.94 -44.00 -1.26
C24 FRI I . -32.57 -42.77 -1.66
N5 FRI I . -31.47 -42.58 -2.39
N4 FRI I . -33.32 -41.72 -1.34
N2 FRI I . -28.86 -48.00 1.64
C31 FRI I . -29.59 -48.03 2.92
C39 FRI I . -28.62 -48.11 4.10
C19 FRI I . -27.55 -49.19 3.91
C21 FRI I . -26.80 -48.87 2.62
C43 FRI I . -27.80 -48.98 1.46
C23 FRI I . -26.63 -49.30 5.11
N8 FRI I . -26.79 -50.07 6.20
C38 FRI I . -27.87 -50.95 6.60
N6 FRI I . -25.69 -49.94 7.00
C13 FRI I . -25.58 -48.78 5.48
C14 FRI I . -24.91 -48.97 6.48
C11 FRI I . -23.70 -48.36 7.14
C15 FRI I . -22.97 -49.23 7.97
C17 FRI I . -21.86 -48.79 8.65
C20 FRI I . -21.46 -47.46 8.51
C33 FRI I . -22.18 -46.60 7.71
C34 FRI I . -23.30 -47.04 7.01
CL10 FRI I . -24.18 -45.84 6.00
CL9 FRI I . -21.62 -44.90 7.58
O45 FRI I . -20.37 -46.98 9.19
C40 FRI I . -19.19 -47.76 9.34
C22 FRI I . -19.39 -48.90 10.30
C28 FRI I . -18.29 -49.70 10.58
C25 FRI I . -18.42 -50.79 11.44
C35 FRI I . -19.64 -51.05 12.04
C18 FRI I . -20.75 -50.25 11.77
C16 FRI I . -20.63 -49.16 10.89
N1 FRI I . -19.74 -52.10 12.90
C12 FRI I . -18.84 -52.34 13.86
O44 FRI I . -17.66 -52.57 13.62
C42 FRI I . -19.37 -52.29 15.27
ZN ZN J . 4.35 15.99 5.70
O47 FRI K . 7.62 16.44 -0.70
C30 FRI K . 7.35 16.17 0.46
C29 FRI K . 6.13 16.79 1.11
N3 FRI K . 5.44 17.73 0.23
C27 FRI K . 4.13 17.65 0.01
O46 FRI K . 3.33 17.24 0.83
C26 FRI K . 3.65 18.09 -1.35
C41 FRI K . 3.29 16.86 -2.19
C32 FRI K . 2.76 17.19 -3.57
C37 FRI K . 2.24 15.93 -4.25
C36 FRI K . 3.80 17.89 -4.46
N7 FRI K . 2.54 19.01 -1.25
C24 FRI K . 2.63 20.31 -1.49
N5 FRI K . 3.79 20.87 -1.83
N4 FRI K . 1.55 21.07 -1.38
N2 FRI K . 8.08 15.37 1.22
C31 FRI K . 7.68 15.05 2.59
C39 FRI K . 8.86 15.43 3.49
C19 FRI K . 10.07 14.59 3.11
C21 FRI K . 10.47 14.97 1.68
C43 FRI K . 9.31 14.71 0.72
C23 FRI K . 11.15 14.76 4.14
N8 FRI K . 11.22 14.17 5.35
C38 FRI K . 10.29 13.27 6.03
N6 FRI K . 12.38 14.53 5.96
C13 FRI K . 12.19 15.44 4.27
C14 FRI K . 13.02 15.42 5.17
C11 FRI K . 14.32 16.10 5.51
C15 FRI K . 15.12 15.41 6.42
C17 FRI K . 16.33 15.94 6.84
C20 FRI K . 16.73 17.17 6.37
C33 FRI K . 15.93 17.88 5.49
C34 FRI K . 14.72 17.37 5.05
CL10 FRI K . 13.73 18.33 3.90
CL9 FRI K . 16.51 19.47 4.91
O45 FRI K . 17.92 17.69 6.78
C40 FRI K . 19.12 16.98 6.50
C22 FRI K . 20.07 16.95 7.67
C28 FRI K . 20.16 15.80 8.44
C25 FRI K . 21.04 15.73 9.52
C35 FRI K . 21.85 16.83 9.82
C18 FRI K . 21.77 17.99 9.03
C16 FRI K . 20.88 18.05 7.96
N1 FRI K . 22.72 16.78 10.86
C12 FRI K . 22.59 15.93 11.88
O44 FRI K . 21.77 16.12 12.75
C42 FRI K . 23.52 14.75 11.87
O47 FRI L . -21.47 0.75 26.10
C30 FRI L . -22.19 0.50 27.05
C29 FRI L . -21.72 -0.51 28.08
N3 FRI L . -20.81 -1.50 27.54
C27 FRI L . -20.13 -2.30 28.36
O46 FRI L . -20.65 -2.83 29.35
C26 FRI L . -18.69 -2.58 28.04
C41 FRI L . -17.88 -1.28 28.20
C32 FRI L . -16.37 -1.43 27.98
C37 FRI L . -15.65 -0.12 28.30
C36 FRI L . -15.99 -1.89 26.58
N7 FRI L . -18.14 -3.63 28.88
C24 FRI L . -17.56 -4.74 28.40
N5 FRI L . -17.29 -4.87 27.10
N4 FRI L . -17.25 -5.74 29.24
N2 FRI L . -23.38 1.07 27.26
C31 FRI L . -24.44 0.40 28.04
C39 FRI L . -25.75 0.45 27.26
C19 FRI L . -26.08 1.90 26.93
C21 FRI L . -24.99 2.42 26.00
C43 FRI L . -23.66 2.43 26.76
C23 FRI L . -27.44 2.05 26.31
N8 FRI L . -28.37 3.01 26.48
C38 FRI L . -28.38 4.12 27.40
N6 FRI L . -29.40 2.78 25.60
C13 FRI L . -28.08 1.40 25.50
C14 FRI L . -29.15 1.62 24.96
C11 FRI L . -29.95 0.85 23.96
C15 FRI L . -31.33 1.07 23.88
C17 FRI L . -32.09 0.36 22.97
C20 FRI L . -31.48 -0.58 22.15
C33 FRI L . -30.12 -0.80 22.24
C34 FRI L . -29.35 -0.10 23.13
CL10 FRI L . -27.60 -0.47 23.16
CL9 FRI L . -29.44 -2.03 21.13
O45 FRI L . -32.12 -1.35 21.22
C40 FRI L . -33.54 -1.39 21.20
C22 FRI L . -33.91 -0.02 20.72
C28 FRI L . -34.03 0.23 19.36
C25 FRI L . -34.35 1.51 18.93
C35 FRI L . -34.56 2.52 19.88
C18 FRI L . -34.42 2.26 21.23
C16 FRI L . -34.09 0.99 21.66
N1 FRI L . -34.89 3.76 19.49
C12 FRI L . -34.48 4.80 20.19
O44 FRI L . -34.59 4.86 21.41
C42 FRI L . -33.85 5.88 19.39
#